data_7WM5
#
_entry.id   7WM5
#
_cell.length_a   112.710
_cell.length_b   112.710
_cell.length_c   110.178
_cell.angle_alpha   90.000
_cell.angle_beta   90.000
_cell.angle_gamma   120.000
#
_symmetry.space_group_name_H-M   'H 3 2'
#
loop_
_entity.id
_entity.type
_entity.pdbx_description
1 polymer Methyltransferase
2 water water
#
_entity_poly.entity_id   1
_entity_poly.type   'polypeptide(L)'
_entity_poly.pdbx_seq_one_letter_code
;MRGSHHHHHHGRSGDDDDKMKVLNDLLGYKNRKLYQDNKMFNFTLDSVLVARFCNLNSKKKKICDFGTNNAVIPLILSKY
TKAKIIGVEIQNKAVEIANENIKLNGLEDQIEIVHADIKEFSKLHNQEFDLVVCNPPFFKMDGNPKLKEISLEVANARHE
ILITLEDIIKSASRCLKNKGNFTIVHRSERLSEIINLFYKYNIYPKRLRLIQSKKTDNAKMILLDGIYQGNEGMEILPTL
ITHNDDETYTDELLKYFHD
;
_entity_poly.pdbx_strand_id   A
#
# COMPACT_ATOMS: atom_id res chain seq x y z
N LEU A 23 18.41 -7.84 12.35
CA LEU A 23 17.93 -6.66 13.06
C LEU A 23 18.58 -5.34 12.61
N ASN A 24 17.86 -4.55 11.82
CA ASN A 24 18.35 -3.26 11.35
C ASN A 24 17.28 -2.19 11.48
N ASP A 25 17.76 -0.93 11.47
CA ASP A 25 16.87 0.21 11.32
C ASP A 25 16.10 0.14 10.01
N LEU A 26 14.84 0.62 10.04
CA LEU A 26 14.01 0.68 8.83
C LEU A 26 14.37 1.96 8.08
N LEU A 27 15.27 1.81 7.10
CA LEU A 27 15.87 2.95 6.40
C LEU A 27 16.22 4.04 7.40
N GLY A 28 15.82 5.27 7.14
CA GLY A 28 16.06 6.35 8.08
C GLY A 28 14.84 6.78 8.86
N TYR A 29 13.85 5.89 9.01
CA TYR A 29 12.67 6.21 9.81
C TYR A 29 13.01 6.05 11.29
N LYS A 30 12.62 7.05 12.09
CA LYS A 30 12.96 7.05 13.50
C LYS A 30 12.04 6.09 14.26
N ASN A 31 12.63 5.39 15.23
CA ASN A 31 11.92 4.50 16.14
C ASN A 31 11.21 3.38 15.37
N ARG A 32 11.90 2.82 14.37
CA ARG A 32 11.41 1.70 13.56
C ARG A 32 12.59 0.79 13.25
N LYS A 33 12.48 -0.49 13.60
CA LYS A 33 13.45 -1.52 13.23
C LYS A 33 12.72 -2.74 12.66
N LEU A 34 13.46 -3.65 12.03
CA LEU A 34 12.86 -4.89 11.57
C LEU A 34 13.92 -5.93 11.27
N TYR A 35 13.49 -7.21 11.28
CA TYR A 35 14.40 -8.37 11.22
C TYR A 35 14.91 -8.72 9.82
N ASN A 38 16.01 -11.15 3.24
CA ASN A 38 15.68 -9.74 3.31
C ASN A 38 14.83 -9.28 2.12
N LYS A 39 14.46 -10.22 1.24
CA LYS A 39 13.66 -9.98 0.04
C LYS A 39 14.33 -8.99 -0.90
N MET A 40 13.62 -8.55 -1.94
CA MET A 40 14.18 -7.55 -2.85
C MET A 40 14.12 -6.17 -2.21
N PHE A 41 15.12 -5.34 -2.53
CA PHE A 41 15.08 -3.96 -2.05
C PHE A 41 14.02 -3.15 -2.79
N ASN A 42 13.90 -3.36 -4.10
CA ASN A 42 12.90 -2.63 -4.86
C ASN A 42 11.50 -3.10 -4.53
N PHE A 43 11.35 -4.31 -3.99
CA PHE A 43 10.07 -4.70 -3.40
C PHE A 43 9.77 -3.87 -2.15
N THR A 44 10.72 -3.84 -1.22
CA THR A 44 10.61 -2.98 -0.04
C THR A 44 10.40 -1.51 -0.44
N LEU A 45 11.02 -1.07 -1.53
CA LEU A 45 10.92 0.33 -1.95
C LEU A 45 9.51 0.68 -2.44
N ASP A 46 8.91 -0.19 -3.27
CA ASP A 46 7.51 -0.04 -3.63
C ASP A 46 6.59 -0.05 -2.42
N SER A 47 6.93 -0.82 -1.39
CA SER A 47 6.14 -0.81 -0.16
C SER A 47 6.29 0.53 0.57
N VAL A 48 7.52 1.03 0.69
CA VAL A 48 7.71 2.35 1.29
C VAL A 48 6.92 3.41 0.52
N LEU A 49 7.01 3.36 -0.82
CA LEU A 49 6.38 4.38 -1.65
C LEU A 49 4.86 4.38 -1.54
N VAL A 50 4.23 3.21 -1.57
CA VAL A 50 2.76 3.19 -1.49
C VAL A 50 2.28 3.62 -0.11
N ALA A 51 3.03 3.28 0.94
CA ALA A 51 2.65 3.73 2.29
C ALA A 51 2.69 5.25 2.39
N ARG A 52 3.77 5.86 1.90
CA ARG A 52 3.86 7.32 1.89
C ARG A 52 2.88 7.96 0.90
N PHE A 53 2.40 7.22 -0.11
CA PHE A 53 1.43 7.75 -1.06
C PHE A 53 0.03 7.82 -0.46
N CYS A 54 -0.32 6.91 0.46
CA CYS A 54 -1.67 6.85 1.02
C CYS A 54 -2.13 8.20 1.55
N ASN A 55 -3.38 8.56 1.25
CA ASN A 55 -4.08 9.71 1.82
C ASN A 55 -4.45 9.42 3.27
N LEU A 56 -3.74 10.02 4.22
CA LEU A 56 -3.93 9.71 5.64
C LEU A 56 -4.52 10.88 6.42
N ASN A 57 -5.74 11.30 6.05
CA ASN A 57 -6.42 12.40 6.72
C ASN A 57 -7.14 11.92 7.98
N SER A 58 -7.90 12.81 8.63
CA SER A 58 -8.57 12.46 9.89
C SER A 58 -9.72 11.49 9.67
N LYS A 59 -10.31 11.47 8.47
CA LYS A 59 -11.40 10.55 8.18
C LYS A 59 -10.95 9.09 8.12
N LYS A 60 -9.63 8.85 8.12
CA LYS A 60 -9.09 7.50 8.09
C LYS A 60 -8.89 7.04 9.54
N LYS A 61 -9.85 6.25 10.04
CA LYS A 61 -9.77 5.70 11.38
C LYS A 61 -9.54 4.20 11.40
N LYS A 62 -9.87 3.47 10.32
CA LYS A 62 -9.59 2.05 10.25
C LYS A 62 -9.01 1.70 8.88
N ILE A 63 -7.89 0.99 8.86
CA ILE A 63 -7.11 0.74 7.64
C ILE A 63 -6.88 -0.76 7.48
N CYS A 64 -6.95 -1.24 6.24
CA CYS A 64 -6.67 -2.63 5.91
C CYS A 64 -5.56 -2.69 4.87
N ASP A 65 -4.59 -3.58 5.11
CA ASP A 65 -3.44 -3.78 4.23
C ASP A 65 -3.53 -5.19 3.69
N PHE A 66 -3.75 -5.32 2.36
CA PHE A 66 -4.01 -6.63 1.77
C PHE A 66 -2.71 -7.42 1.63
N GLY A 67 -1.64 -6.79 1.20
CA GLY A 67 -0.37 -7.44 1.48
C GLY A 67 0.53 -6.51 2.26
N THR A 68 0.99 -6.94 3.45
CA THR A 68 1.96 -6.16 4.21
C THR A 68 3.34 -6.75 3.99
N ASN A 69 4.29 -5.91 3.59
CA ASN A 69 5.63 -6.37 3.23
C ASN A 69 6.45 -6.57 4.50
N ASN A 70 6.15 -7.66 5.22
CA ASN A 70 6.74 -7.92 6.54
C ASN A 70 6.37 -6.83 7.53
N ALA A 71 5.14 -6.31 7.41
CA ALA A 71 4.61 -5.19 8.18
C ALA A 71 5.29 -3.86 7.85
N VAL A 72 6.16 -3.80 6.83
CA VAL A 72 6.79 -2.53 6.47
C VAL A 72 5.74 -1.46 6.20
N ILE A 73 4.68 -1.81 5.47
CA ILE A 73 3.64 -0.82 5.17
C ILE A 73 2.95 -0.34 6.44
N PRO A 74 2.46 -1.22 7.34
CA PRO A 74 1.92 -0.71 8.61
C PRO A 74 2.95 0.04 9.46
N LEU A 75 4.21 -0.42 9.46
CA LEU A 75 5.21 0.28 10.27
C LEU A 75 5.45 1.70 9.77
N ILE A 76 5.29 1.97 8.47
CA ILE A 76 5.45 3.34 7.97
C ILE A 76 4.16 4.13 8.17
N LEU A 77 3.01 3.55 7.79
CA LEU A 77 1.74 4.24 8.01
C LEU A 77 1.60 4.69 9.47
N SER A 78 2.02 3.86 10.40
CA SER A 78 1.83 4.18 11.82
C SER A 78 2.64 5.38 12.28
N LYS A 79 3.62 5.85 11.50
CA LYS A 79 4.32 7.07 11.87
C LYS A 79 3.50 8.32 11.61
N TYR A 80 2.42 8.23 10.82
CA TYR A 80 1.66 9.41 10.39
C TYR A 80 0.22 9.41 10.88
N THR A 81 -0.23 8.35 11.55
CA THR A 81 -1.60 8.26 12.04
C THR A 81 -1.68 7.29 13.21
N LYS A 82 -2.75 7.45 14.00
CA LYS A 82 -3.10 6.51 15.06
C LYS A 82 -4.20 5.55 14.63
N ALA A 83 -4.59 5.56 13.36
CA ALA A 83 -5.62 4.65 12.87
C ALA A 83 -5.22 3.20 13.12
N LYS A 84 -6.19 2.41 13.57
CA LYS A 84 -5.96 0.97 13.70
C LYS A 84 -5.75 0.36 12.32
N ILE A 85 -4.75 -0.51 12.21
CA ILE A 85 -4.35 -1.11 10.94
C ILE A 85 -4.45 -2.62 11.08
N ILE A 86 -5.24 -3.25 10.21
CA ILE A 86 -5.35 -4.71 10.14
C ILE A 86 -4.63 -5.20 8.90
N GLY A 87 -3.60 -6.02 9.08
CA GLY A 87 -2.83 -6.54 7.97
C GLY A 87 -3.26 -7.96 7.67
N VAL A 88 -3.64 -8.21 6.41
CA VAL A 88 -4.08 -9.53 5.96
C VAL A 88 -2.92 -10.21 5.24
N GLU A 89 -2.66 -11.47 5.59
CA GLU A 89 -1.57 -12.21 5.00
C GLU A 89 -1.96 -13.68 4.92
N ILE A 90 -1.72 -14.30 3.77
CA ILE A 90 -2.19 -15.66 3.54
C ILE A 90 -1.16 -16.71 3.99
N GLN A 91 0.14 -16.49 3.72
CA GLN A 91 1.16 -17.48 4.07
C GLN A 91 1.55 -17.35 5.53
N ASN A 92 1.64 -18.51 6.21
CA ASN A 92 1.83 -18.47 7.65
C ASN A 92 3.20 -17.93 8.03
N LYS A 93 4.23 -18.23 7.23
CA LYS A 93 5.56 -17.71 7.54
C LYS A 93 5.58 -16.19 7.54
N ALA A 94 4.80 -15.56 6.66
CA ALA A 94 4.77 -14.11 6.59
C ALA A 94 3.99 -13.51 7.74
N VAL A 95 2.96 -14.20 8.21
CA VAL A 95 2.26 -13.79 9.42
C VAL A 95 3.23 -13.69 10.60
N GLU A 96 4.15 -14.66 10.70
CA GLU A 96 5.10 -14.66 11.81
C GLU A 96 6.04 -13.46 11.76
N ILE A 97 6.72 -13.25 10.63
CA ILE A 97 7.63 -12.12 10.50
C ILE A 97 6.92 -10.80 10.79
N ALA A 98 5.76 -10.58 10.16
CA ALA A 98 5.03 -9.32 10.38
C ALA A 98 4.73 -9.11 11.86
N ASN A 99 4.21 -10.14 12.55
CA ASN A 99 3.92 -10.02 13.98
C ASN A 99 5.19 -9.75 14.79
N GLU A 100 6.30 -10.40 14.41
CA GLU A 100 7.60 -10.14 15.04
C GLU A 100 7.97 -8.67 14.93
N ASN A 101 7.95 -8.13 13.71
CA ASN A 101 8.31 -6.74 13.49
C ASN A 101 7.37 -5.79 14.23
N ILE A 102 6.08 -6.14 14.32
CA ILE A 102 5.14 -5.28 15.03
C ILE A 102 5.45 -5.22 16.51
N LYS A 103 5.69 -6.39 17.13
CA LYS A 103 5.97 -6.44 18.55
C LYS A 103 7.32 -5.81 18.87
N LEU A 104 8.32 -6.08 18.02
CA LEU A 104 9.61 -5.43 18.14
C LEU A 104 9.50 -3.91 18.28
N ASN A 105 8.47 -3.30 17.67
CA ASN A 105 8.29 -1.86 17.71
C ASN A 105 7.24 -1.40 18.71
N GLY A 106 6.68 -2.31 19.52
CA GLY A 106 5.66 -1.95 20.47
C GLY A 106 4.35 -1.51 19.85
N LEU A 107 4.02 -2.02 18.66
CA LEU A 107 2.89 -1.49 17.92
C LEU A 107 1.72 -2.46 17.82
N GLU A 108 1.68 -3.48 18.69
CA GLU A 108 0.65 -4.49 18.60
C GLU A 108 -0.73 -4.02 19.04
N ASP A 109 -0.86 -2.88 19.70
CA ASP A 109 -2.18 -2.33 19.98
C ASP A 109 -2.78 -1.54 18.82
N GLN A 110 -1.96 -1.09 17.87
CA GLN A 110 -2.46 -0.37 16.70
C GLN A 110 -2.55 -1.25 15.46
N ILE A 111 -1.62 -2.20 15.33
CA ILE A 111 -1.47 -3.00 14.13
C ILE A 111 -1.70 -4.44 14.51
N GLU A 112 -2.63 -5.08 13.83
CA GLU A 112 -3.01 -6.46 14.07
C GLU A 112 -2.85 -7.20 12.75
N ILE A 113 -2.22 -8.37 12.81
CA ILE A 113 -2.07 -9.23 11.63
C ILE A 113 -3.09 -10.34 11.68
N VAL A 114 -3.73 -10.61 10.55
CA VAL A 114 -4.72 -11.66 10.42
C VAL A 114 -4.24 -12.63 9.34
N HIS A 115 -4.19 -13.91 9.68
CA HIS A 115 -3.89 -14.97 8.73
C HIS A 115 -5.21 -15.39 8.07
N ALA A 116 -5.38 -15.03 6.80
CA ALA A 116 -6.64 -15.27 6.11
C ALA A 116 -6.42 -15.09 4.62
N ASP A 117 -7.39 -15.60 3.85
CA ASP A 117 -7.47 -15.32 2.43
C ASP A 117 -8.19 -13.99 2.22
N ILE A 118 -7.73 -13.23 1.23
CA ILE A 118 -8.27 -11.89 0.97
C ILE A 118 -9.75 -11.96 0.60
N LYS A 119 -10.14 -12.94 -0.21
CA LYS A 119 -11.55 -13.07 -0.58
C LYS A 119 -12.41 -13.39 0.64
N GLU A 120 -12.02 -14.40 1.42
CA GLU A 120 -12.77 -14.73 2.63
C GLU A 120 -12.81 -13.55 3.60
N PHE A 121 -11.66 -12.92 3.87
CA PHE A 121 -11.60 -11.80 4.80
C PHE A 121 -12.60 -10.72 4.44
N SER A 122 -12.62 -10.31 3.16
CA SER A 122 -13.47 -9.19 2.77
C SER A 122 -14.95 -9.50 2.94
N LYS A 123 -15.32 -10.79 2.80
CA LYS A 123 -16.71 -11.17 2.97
C LYS A 123 -17.14 -11.03 4.43
N LEU A 124 -16.25 -11.34 5.37
CA LEU A 124 -16.59 -11.19 6.78
C LEU A 124 -16.37 -9.77 7.31
N HIS A 125 -15.74 -8.88 6.54
CA HIS A 125 -15.44 -7.54 7.03
C HIS A 125 -16.02 -6.46 6.13
N ASN A 126 -17.22 -6.72 5.60
CA ASN A 126 -17.88 -5.83 4.65
C ASN A 126 -18.09 -4.44 5.26
N GLN A 127 -17.82 -3.41 4.45
CA GLN A 127 -18.07 -2.00 4.76
C GLN A 127 -17.48 -1.59 6.11
N GLU A 128 -16.23 -2.03 6.36
CA GLU A 128 -15.53 -1.81 7.62
C GLU A 128 -14.42 -0.75 7.58
N PHE A 129 -13.75 -0.52 6.44
CA PHE A 129 -12.51 0.24 6.41
C PHE A 129 -12.66 1.57 5.68
N ASP A 130 -11.87 2.56 6.13
CA ASP A 130 -11.75 3.84 5.42
C ASP A 130 -10.70 3.80 4.32
N LEU A 131 -9.70 2.94 4.45
CA LEU A 131 -8.66 2.80 3.46
C LEU A 131 -8.25 1.33 3.39
N VAL A 132 -8.20 0.80 2.17
CA VAL A 132 -7.55 -0.47 1.88
C VAL A 132 -6.35 -0.15 1.00
N VAL A 133 -5.19 -0.72 1.35
CA VAL A 133 -3.97 -0.52 0.59
C VAL A 133 -3.47 -1.90 0.18
N CYS A 134 -2.92 -2.01 -1.02
CA CYS A 134 -2.41 -3.28 -1.50
C CYS A 134 -1.08 -3.10 -2.22
N ASN A 135 -0.10 -3.90 -1.84
CA ASN A 135 1.15 -4.07 -2.57
C ASN A 135 1.29 -5.54 -2.92
N PRO A 136 0.94 -5.96 -4.13
CA PRO A 136 0.91 -7.38 -4.46
C PRO A 136 2.31 -7.96 -4.54
N PRO A 137 2.47 -9.27 -4.27
CA PRO A 137 3.78 -9.95 -4.20
C PRO A 137 4.39 -10.24 -5.57
N ILE A 161 -5.06 -21.55 -3.12
CA ILE A 161 -5.77 -20.30 -3.31
C ILE A 161 -5.04 -19.43 -4.31
N LEU A 162 -5.71 -19.09 -5.41
CA LEU A 162 -5.20 -18.16 -6.41
C LEU A 162 -5.93 -16.83 -6.25
N ILE A 163 -5.20 -15.80 -5.85
CA ILE A 163 -5.71 -14.44 -5.73
C ILE A 163 -5.33 -13.69 -7.02
N THR A 164 -6.33 -13.25 -7.78
CA THR A 164 -6.10 -12.52 -9.02
C THR A 164 -6.23 -11.02 -8.78
N LEU A 165 -5.86 -10.24 -9.80
CA LEU A 165 -5.96 -8.79 -9.64
C LEU A 165 -7.42 -8.35 -9.52
N GLU A 166 -8.32 -9.01 -10.25
CA GLU A 166 -9.74 -8.73 -10.05
C GLU A 166 -10.15 -9.05 -8.62
N ASP A 167 -9.68 -10.18 -8.09
CA ASP A 167 -10.08 -10.57 -6.73
C ASP A 167 -9.59 -9.55 -5.70
N ILE A 168 -8.37 -9.06 -5.86
CA ILE A 168 -7.89 -7.95 -5.03
C ILE A 168 -8.85 -6.78 -5.10
N ILE A 169 -9.17 -6.31 -6.31
CA ILE A 169 -10.01 -5.11 -6.43
C ILE A 169 -11.45 -5.39 -6.00
N LYS A 170 -11.98 -6.57 -6.31
CA LYS A 170 -13.32 -6.94 -5.81
C LYS A 170 -13.36 -6.94 -4.28
N SER A 171 -12.41 -7.62 -3.67
CA SER A 171 -12.31 -7.69 -2.20
C SER A 171 -12.13 -6.31 -1.58
N ALA A 172 -11.38 -5.42 -2.24
CA ALA A 172 -11.25 -4.07 -1.72
C ALA A 172 -12.61 -3.38 -1.63
N SER A 173 -13.44 -3.49 -2.68
CA SER A 173 -14.74 -2.84 -2.69
C SER A 173 -15.68 -3.43 -1.65
N ARG A 174 -15.56 -4.73 -1.37
CA ARG A 174 -16.35 -5.34 -0.29
C ARG A 174 -15.97 -4.80 1.09
N CYS A 175 -14.67 -4.50 1.32
CA CYS A 175 -14.15 -4.06 2.61
C CYS A 175 -14.42 -2.60 2.92
N LEU A 176 -14.56 -1.76 1.90
CA LEU A 176 -14.60 -0.32 2.12
C LEU A 176 -16.00 0.17 2.50
N LYS A 177 -16.04 1.17 3.36
CA LYS A 177 -17.25 1.92 3.61
C LYS A 177 -17.49 2.87 2.46
N ASN A 178 -18.71 3.40 2.41
CA ASN A 178 -19.07 4.39 1.40
C ASN A 178 -18.08 5.54 1.42
N LYS A 179 -17.59 5.93 0.23
CA LYS A 179 -16.57 6.96 0.05
C LYS A 179 -15.22 6.53 0.59
N GLY A 180 -14.99 5.22 0.78
CA GLY A 180 -13.69 4.72 1.21
C GLY A 180 -12.67 4.79 0.09
N ASN A 181 -11.40 4.65 0.47
CA ASN A 181 -10.27 4.80 -0.45
C ASN A 181 -9.56 3.46 -0.62
N PHE A 182 -9.33 3.06 -1.87
CA PHE A 182 -8.48 1.91 -2.19
C PHE A 182 -7.22 2.42 -2.88
N THR A 183 -6.06 2.04 -2.34
CA THR A 183 -4.76 2.44 -2.84
C THR A 183 -3.96 1.22 -3.26
N ILE A 184 -3.31 1.29 -4.43
CA ILE A 184 -2.53 0.18 -4.94
C ILE A 184 -1.24 0.68 -5.57
N VAL A 185 -0.21 -0.14 -5.49
CA VAL A 185 1.03 0.06 -6.23
C VAL A 185 1.18 -1.15 -7.15
N HIS A 186 1.56 -0.92 -8.41
CA HIS A 186 1.59 -2.02 -9.37
C HIS A 186 2.48 -1.64 -10.55
N ARG A 187 2.62 -2.59 -11.47
CA ARG A 187 3.37 -2.39 -12.70
C ARG A 187 2.60 -1.49 -13.68
N SER A 188 3.34 -0.62 -14.38
CA SER A 188 2.70 0.30 -15.31
C SER A 188 1.97 -0.42 -16.44
N GLU A 189 2.48 -1.58 -16.89
CA GLU A 189 1.84 -2.28 -18.00
C GLU A 189 0.36 -2.53 -17.74
N ARG A 190 -0.04 -2.67 -16.48
CA ARG A 190 -1.41 -3.04 -16.15
C ARG A 190 -2.25 -1.86 -15.68
N LEU A 191 -1.81 -0.62 -15.94
CA LEU A 191 -2.53 0.56 -15.48
C LEU A 191 -3.97 0.58 -15.98
N SER A 192 -4.20 0.34 -17.29
CA SER A 192 -5.56 0.49 -17.80
C SER A 192 -6.46 -0.65 -17.34
N GLU A 193 -5.91 -1.86 -17.28
CA GLU A 193 -6.64 -3.00 -16.73
C GLU A 193 -7.07 -2.75 -15.28
N ILE A 194 -6.20 -2.12 -14.49
CA ILE A 194 -6.55 -1.78 -13.12
C ILE A 194 -7.67 -0.77 -13.10
N ILE A 195 -7.55 0.28 -13.91
CA ILE A 195 -8.55 1.34 -13.96
C ILE A 195 -9.91 0.77 -14.36
N ASN A 196 -9.91 -0.18 -15.30
CA ASN A 196 -11.17 -0.81 -15.73
C ASN A 196 -11.81 -1.61 -14.60
N LEU A 197 -11.00 -2.35 -13.85
CA LEU A 197 -11.52 -3.12 -12.71
C LEU A 197 -12.01 -2.22 -11.59
N PHE A 198 -11.28 -1.14 -11.30
CA PHE A 198 -11.80 -0.08 -10.43
C PHE A 198 -13.26 0.20 -10.79
N TYR A 199 -13.47 0.66 -12.02
CA TYR A 199 -14.82 1.01 -12.49
C TYR A 199 -15.78 -0.15 -12.36
N LYS A 200 -15.32 -1.37 -12.68
CA LYS A 200 -16.21 -2.53 -12.60
C LYS A 200 -16.84 -2.65 -11.22
N TYR A 201 -16.12 -2.27 -10.16
CA TYR A 201 -16.60 -2.41 -8.79
C TYR A 201 -16.88 -1.06 -8.13
N ASN A 202 -17.26 -0.06 -8.93
CA ASN A 202 -17.64 1.27 -8.46
C ASN A 202 -16.60 1.94 -7.57
N ILE A 203 -15.31 1.72 -7.87
CA ILE A 203 -14.23 2.55 -7.36
C ILE A 203 -13.82 3.52 -8.45
N TYR A 204 -13.82 4.82 -8.13
CA TYR A 204 -13.52 5.88 -9.06
C TYR A 204 -12.06 6.29 -8.92
N PRO A 205 -11.22 6.08 -9.93
CA PRO A 205 -9.83 6.55 -9.87
C PRO A 205 -9.76 8.03 -9.51
N LYS A 206 -8.79 8.36 -8.67
CA LYS A 206 -8.70 9.66 -8.02
C LYS A 206 -7.32 10.30 -8.22
N ARG A 207 -6.28 9.69 -7.65
CA ARG A 207 -4.90 10.18 -7.79
C ARG A 207 -4.03 9.12 -8.45
N LEU A 208 -3.17 9.58 -9.37
CA LEU A 208 -2.20 8.76 -10.08
C LEU A 208 -0.81 9.39 -9.95
N ARG A 209 0.21 8.57 -9.68
CA ARG A 209 1.59 9.00 -9.74
C ARG A 209 2.44 7.93 -10.43
N LEU A 210 3.16 8.33 -11.48
CA LEU A 210 4.10 7.44 -12.14
C LEU A 210 5.45 7.43 -11.43
N ILE A 211 6.12 6.28 -11.51
CA ILE A 211 7.49 6.10 -11.04
C ILE A 211 8.34 5.71 -12.23
N GLN A 212 9.31 6.56 -12.57
CA GLN A 212 10.33 6.29 -13.58
C GLN A 212 11.69 6.16 -12.91
N SER A 213 12.47 5.15 -13.33
CA SER A 213 13.84 5.01 -12.85
C SER A 213 14.71 6.21 -13.23
N LYS A 214 14.69 6.61 -14.50
CA LYS A 214 15.45 7.77 -14.97
C LYS A 214 14.51 8.69 -15.73
N LYS A 215 14.95 9.94 -15.91
CA LYS A 215 14.16 10.94 -16.61
C LYS A 215 13.86 10.53 -18.05
N THR A 216 14.61 9.58 -18.59
CA THR A 216 14.48 9.17 -19.98
C THR A 216 13.96 7.76 -20.13
N ASP A 217 13.51 7.15 -19.04
CA ASP A 217 12.97 5.80 -19.07
C ASP A 217 11.46 5.82 -19.02
N ASN A 218 10.85 4.79 -19.61
CA ASN A 218 9.43 4.56 -19.40
C ASN A 218 9.14 4.36 -17.91
N ALA A 219 7.96 4.79 -17.49
CA ALA A 219 7.54 4.52 -16.12
C ALA A 219 7.35 3.02 -15.96
N LYS A 220 7.97 2.46 -14.92
CA LYS A 220 7.88 1.04 -14.61
C LYS A 220 6.82 0.69 -13.58
N MET A 221 6.48 1.61 -12.67
CA MET A 221 5.50 1.36 -11.63
C MET A 221 4.52 2.52 -11.54
N ILE A 222 3.33 2.23 -11.02
CA ILE A 222 2.31 3.26 -10.83
C ILE A 222 1.82 3.21 -9.39
N LEU A 223 1.43 4.38 -8.88
CA LEU A 223 0.73 4.54 -7.61
C LEU A 223 -0.65 5.11 -7.93
N LEU A 224 -1.70 4.41 -7.51
CA LEU A 224 -3.06 4.78 -7.86
C LEU A 224 -3.99 4.60 -6.66
N ASP A 225 -4.85 5.57 -6.40
CA ASP A 225 -5.94 5.30 -5.47
C ASP A 225 -7.26 5.66 -6.12
N GLY A 226 -8.33 5.48 -5.35
CA GLY A 226 -9.68 5.59 -5.87
C GLY A 226 -10.69 5.60 -4.74
N ILE A 227 -11.87 6.12 -5.04
CA ILE A 227 -12.90 6.34 -4.04
C ILE A 227 -14.08 5.43 -4.35
N TYR A 228 -14.36 4.50 -3.43
CA TYR A 228 -15.50 3.61 -3.60
C TYR A 228 -16.78 4.42 -3.58
N GLN A 229 -17.59 4.25 -4.63
CA GLN A 229 -18.86 4.97 -4.75
C GLN A 229 -18.65 6.49 -4.72
N GLY A 230 -17.49 6.94 -5.20
CA GLY A 230 -17.18 8.35 -5.30
C GLY A 230 -17.59 8.95 -6.63
N ASN A 231 -16.78 9.91 -7.11
CA ASN A 231 -17.13 10.71 -8.27
C ASN A 231 -16.00 10.72 -9.29
N GLU A 232 -16.38 11.01 -10.53
CA GLU A 232 -15.45 11.07 -11.65
C GLU A 232 -14.51 12.27 -11.51
N GLY A 233 -13.28 12.11 -12.02
CA GLY A 233 -12.30 13.18 -12.02
C GLY A 233 -10.99 12.75 -11.37
N MET A 234 -9.89 12.82 -12.13
CA MET A 234 -8.59 12.34 -11.69
C MET A 234 -7.65 13.49 -11.43
N GLU A 235 -6.69 13.27 -10.53
CA GLU A 235 -5.58 14.18 -10.31
C GLU A 235 -4.31 13.38 -10.57
N ILE A 236 -3.39 13.92 -11.37
CA ILE A 236 -2.20 13.19 -11.76
C ILE A 236 -0.99 13.93 -11.20
N LEU A 237 -0.34 13.33 -10.18
CA LEU A 237 0.72 13.99 -9.44
C LEU A 237 2.01 14.02 -10.26
N PRO A 238 2.95 14.90 -9.88
CA PRO A 238 4.24 14.98 -10.58
C PRO A 238 4.95 13.63 -10.59
N THR A 239 5.38 13.23 -11.77
CA THR A 239 6.08 11.96 -11.93
C THR A 239 7.31 11.90 -11.03
N LEU A 240 7.50 10.74 -10.42
CA LEU A 240 8.61 10.52 -9.50
C LEU A 240 9.76 9.86 -10.26
N ILE A 241 10.92 10.52 -10.28
CA ILE A 241 12.14 9.97 -10.83
C ILE A 241 12.99 9.48 -9.68
N THR A 242 13.41 8.22 -9.74
CA THR A 242 14.07 7.63 -8.59
C THR A 242 15.60 7.72 -8.66
N HIS A 243 16.19 7.85 -9.85
CA HIS A 243 17.64 7.96 -9.99
C HIS A 243 18.01 9.17 -10.84
N ASN A 244 19.10 9.84 -10.46
CA ASN A 244 19.72 10.83 -11.33
C ASN A 244 20.43 10.10 -12.47
N ASP A 245 21.00 10.88 -13.37
CA ASP A 245 21.57 10.26 -14.57
C ASP A 245 22.76 9.36 -14.24
N ASP A 246 23.53 9.69 -13.19
CA ASP A 246 24.70 8.89 -12.84
C ASP A 246 24.37 7.69 -11.96
N GLU A 247 23.13 7.21 -11.95
CA GLU A 247 22.65 6.06 -11.19
C GLU A 247 22.50 6.34 -9.68
N THR A 248 22.74 7.57 -9.22
CA THR A 248 22.52 7.93 -7.82
C THR A 248 21.03 8.22 -7.58
N TYR A 249 20.56 7.97 -6.35
CA TYR A 249 19.17 8.25 -6.00
C TYR A 249 18.92 9.76 -5.98
N THR A 250 17.74 10.16 -6.48
CA THR A 250 17.34 11.57 -6.46
C THR A 250 16.89 11.97 -5.06
N ASP A 251 16.96 13.28 -4.79
CA ASP A 251 16.48 13.80 -3.51
C ASP A 251 14.99 13.53 -3.35
N GLU A 252 14.23 13.70 -4.42
CA GLU A 252 12.78 13.46 -4.39
C GLU A 252 12.47 12.08 -3.84
N LEU A 253 13.18 11.04 -4.29
CA LEU A 253 12.99 9.71 -3.74
C LEU A 253 13.45 9.63 -2.27
N LEU A 254 14.63 10.20 -1.97
CA LEU A 254 15.23 10.02 -0.66
C LEU A 254 14.43 10.68 0.45
N LYS A 255 13.62 11.69 0.12
CA LYS A 255 12.68 12.22 1.10
C LYS A 255 11.76 11.14 1.66
N TYR A 256 11.54 10.05 0.92
CA TYR A 256 10.68 8.98 1.42
C TYR A 256 11.44 7.89 2.18
N PHE A 257 12.73 8.10 2.43
CA PHE A 257 13.55 7.17 3.20
C PHE A 257 13.58 7.52 4.67
N HIS A 258 12.89 8.59 5.08
CA HIS A 258 12.88 9.02 6.46
C HIS A 258 11.53 9.64 6.75
N ASP A 259 11.34 10.04 8.03
CA ASP A 259 10.11 10.69 8.48
C ASP A 259 9.70 11.86 7.57
#